data_4LI8
#
_entry.id   4LI8
#
_cell.length_a   124.700
_cell.length_b   43.100
_cell.length_c   88.100
_cell.angle_alpha   90.00
_cell.angle_beta   91.30
_cell.angle_gamma   90.00
#
_symmetry.space_group_name_H-M   'C 1 2 1'
#
loop_
_entity.id
_entity.type
_entity.pdbx_description
1 polymer Tankyrase-1
2 non-polymer 'ZINC ION'
3 non-polymer 2-[4-(4-fluorobenzoyl)piperidin-1-yl]-N-[(4-oxo-3,5,7,8-tetrahydro-4H-pyrano[4,3-d]pyrimidin-2-yl)methyl]-N-(thiophen-2-ylmethyl)acetamide
4 non-polymer 'SULFATE ION'
5 water water
#
_entity_poly.entity_id   1
_entity_poly.type   'polypeptide(L)'
_entity_poly.pdbx_seq_one_letter_code
;GGTILLDLAPEDKEYQSVEEEMQSTIREHRDGGNAGGIFNRYNVIRIQKVVNKKLRERFCHRQKEVSEENHNHHNERMLF
HGSPFINAIIHKGFDERHAYIGGMFGAGIYFAENSSKSNQYVYGIGGGTGCPTHKDRSCYICHRQMLFCRVTLGKSFLQF
STIKMAHAPPGHHSVIGRPSVNGLAYAEYVIYRGEQAYPEYLITYQIMKPEAPSQTATAAEQKT
;
_entity_poly.pdbx_strand_id   A,B
#
loop_
_chem_comp.id
_chem_comp.type
_chem_comp.name
_chem_comp.formula
1XQ non-polymer 2-[4-(4-fluorobenzoyl)piperidin-1-yl]-N-[(4-oxo-3,5,7,8-tetrahydro-4H-pyrano[4,3-d]pyrimidin-2-yl)methyl]-N-(thiophen-2-ylmethyl)acetamide 'C27 H29 F N4 O4 S'
SO4 non-polymer 'SULFATE ION' 'O4 S -2'
ZN non-polymer 'ZINC ION' 'Zn 2'
#
# COMPACT_ATOMS: atom_id res chain seq x y z
N GLY A 2 -16.02 -12.50 -14.44
CA GLY A 2 -16.40 -11.52 -13.44
C GLY A 2 -16.86 -12.16 -12.14
N THR A 3 -17.67 -11.45 -11.38
CA THR A 3 -18.16 -11.98 -10.13
C THR A 3 -19.49 -12.70 -10.28
N ILE A 4 -19.54 -13.97 -9.87
CA ILE A 4 -20.81 -14.66 -9.74
C ILE A 4 -21.12 -14.89 -8.27
N LEU A 5 -22.42 -14.92 -7.97
CA LEU A 5 -22.88 -15.12 -6.61
C LEU A 5 -23.55 -16.48 -6.47
N LEU A 6 -23.11 -17.23 -5.46
CA LEU A 6 -23.70 -18.52 -5.17
C LEU A 6 -24.79 -18.38 -4.11
N ASP A 7 -26.00 -18.78 -4.47
CA ASP A 7 -27.15 -18.65 -3.59
C ASP A 7 -27.25 -19.80 -2.59
N LEU A 8 -26.64 -19.61 -1.42
CA LEU A 8 -26.76 -20.55 -0.32
C LEU A 8 -28.21 -20.76 0.09
N ALA A 9 -28.54 -21.97 0.51
CA ALA A 9 -29.90 -22.29 0.92
C ALA A 9 -30.04 -22.08 2.43
N PRO A 10 -31.19 -21.58 2.87
CA PRO A 10 -31.44 -21.44 4.31
C PRO A 10 -31.16 -22.72 5.09
N GLU A 11 -31.29 -23.87 4.44
CA GLU A 11 -31.05 -25.16 5.07
C GLU A 11 -29.61 -25.65 4.89
N ASP A 12 -28.80 -24.82 4.23
CA ASP A 12 -27.38 -25.06 4.11
C ASP A 12 -26.74 -24.92 5.48
N LYS A 13 -25.93 -25.90 5.89
CA LYS A 13 -25.19 -25.80 7.14
C LYS A 13 -24.25 -24.60 7.07
N GLU A 14 -23.93 -24.17 5.85
CA GLU A 14 -23.09 -23.01 5.62
C GLU A 14 -23.87 -21.74 5.96
N TYR A 15 -24.93 -21.52 5.19
CA TYR A 15 -25.88 -20.43 5.42
C TYR A 15 -26.15 -20.22 6.90
N GLN A 16 -26.56 -21.29 7.57
CA GLN A 16 -26.87 -21.23 8.99
C GLN A 16 -25.69 -20.75 9.82
N SER A 17 -24.50 -21.26 9.51
CA SER A 17 -23.30 -20.86 10.24
C SER A 17 -23.05 -19.36 10.18
N VAL A 18 -23.33 -18.75 9.03
CA VAL A 18 -23.06 -17.33 8.85
C VAL A 18 -24.12 -16.46 9.52
N GLU A 19 -25.38 -16.87 9.46
CA GLU A 19 -26.45 -16.12 10.11
C GLU A 19 -26.30 -16.18 11.62
N GLU A 20 -25.77 -17.28 12.12
CA GLU A 20 -25.51 -17.41 13.55
C GLU A 20 -24.37 -16.51 14.00
N GLU A 21 -23.37 -16.33 13.13
CA GLU A 21 -22.29 -15.38 13.40
C GLU A 21 -22.81 -13.95 13.29
N MET A 22 -23.68 -13.71 12.33
CA MET A 22 -24.28 -12.39 12.18
C MET A 22 -25.20 -12.10 13.37
N GLN A 23 -26.01 -13.08 13.76
CA GLN A 23 -27.00 -12.91 14.83
C GLN A 23 -26.40 -12.87 16.23
N SER A 24 -25.32 -13.60 16.45
CA SER A 24 -24.78 -13.76 17.79
C SER A 24 -23.81 -12.65 18.17
N THR A 25 -23.46 -11.81 17.19
CA THR A 25 -22.48 -10.76 17.41
C THR A 25 -23.09 -9.35 17.40
N ILE A 26 -24.41 -9.28 17.47
CA ILE A 26 -25.08 -8.01 17.73
C ILE A 26 -24.70 -7.57 19.13
N ARG A 27 -24.61 -6.26 19.33
CA ARG A 27 -24.27 -5.70 20.63
C ARG A 27 -24.71 -4.24 20.71
N GLU A 28 -24.64 -3.67 21.90
CA GLU A 28 -24.99 -2.27 22.07
C GLU A 28 -23.78 -1.38 21.83
N HIS A 29 -24.04 -0.22 21.23
CA HIS A 29 -22.97 0.66 20.81
C HIS A 29 -23.08 2.01 21.50
N ARG A 30 -21.92 2.64 21.72
CA ARG A 30 -21.85 3.88 22.47
C ARG A 30 -22.80 4.95 21.95
N ASP A 31 -23.21 4.83 20.69
CA ASP A 31 -24.06 5.84 20.09
C ASP A 31 -25.56 5.55 20.25
N GLY A 32 -25.88 4.59 21.12
CA GLY A 32 -27.27 4.29 21.44
C GLY A 32 -28.12 3.87 20.26
N GLY A 33 -27.48 3.34 19.22
CA GLY A 33 -28.20 2.86 18.04
C GLY A 33 -28.37 3.97 17.03
N ASN A 34 -27.73 5.09 17.28
CA ASN A 34 -27.86 6.24 16.41
C ASN A 34 -27.50 5.95 14.95
N ALA A 35 -26.32 5.37 14.74
CA ALA A 35 -25.79 5.10 13.40
C ALA A 35 -26.46 3.91 12.74
N GLY A 36 -26.51 2.78 13.45
CA GLY A 36 -27.00 1.54 12.87
C GLY A 36 -28.46 1.24 13.08
N GLY A 37 -29.10 2.02 13.95
CA GLY A 37 -30.52 1.84 14.21
C GLY A 37 -30.72 0.97 15.42
N ILE A 38 -31.98 0.75 15.78
CA ILE A 38 -32.30 0.04 17.01
C ILE A 38 -32.90 -1.34 16.74
N PHE A 39 -32.18 -2.38 17.12
CA PHE A 39 -32.61 -3.76 16.86
C PHE A 39 -31.91 -4.77 17.77
N ASN A 40 -32.48 -5.96 17.84
CA ASN A 40 -31.91 -7.05 18.60
C ASN A 40 -31.56 -8.19 17.67
N ARG A 41 -32.11 -8.13 16.46
CA ARG A 41 -32.00 -9.25 15.54
C ARG A 41 -32.17 -8.82 14.09
N TYR A 42 -31.46 -9.50 13.19
CA TYR A 42 -31.65 -9.27 11.76
C TYR A 42 -32.68 -10.22 11.18
N ASN A 43 -33.39 -9.75 10.17
CA ASN A 43 -34.15 -10.61 9.28
C ASN A 43 -33.32 -10.89 8.03
N VAL A 44 -32.56 -11.98 8.07
CA VAL A 44 -31.67 -12.33 6.96
C VAL A 44 -32.46 -12.76 5.71
N ILE A 45 -32.47 -11.89 4.71
CA ILE A 45 -33.20 -12.18 3.48
C ILE A 45 -32.52 -13.29 2.71
N ARG A 46 -31.24 -13.10 2.42
CA ARG A 46 -30.50 -14.07 1.63
C ARG A 46 -28.99 -14.00 1.89
N ILE A 47 -28.31 -15.14 1.77
CA ILE A 47 -26.87 -15.18 1.92
C ILE A 47 -26.21 -15.69 0.65
N GLN A 48 -25.21 -14.99 0.16
CA GLN A 48 -24.59 -15.38 -1.11
C GLN A 48 -23.08 -15.50 -1.03
N LYS A 49 -22.54 -16.61 -1.52
CA LYS A 49 -21.10 -16.76 -1.61
C LYS A 49 -20.60 -16.06 -2.86
N VAL A 50 -19.52 -15.31 -2.70
CA VAL A 50 -18.99 -14.48 -3.76
C VAL A 50 -17.87 -15.20 -4.47
N VAL A 51 -17.94 -15.25 -5.80
CA VAL A 51 -16.94 -15.96 -6.57
C VAL A 51 -16.33 -15.08 -7.65
N ASN A 52 -15.04 -14.82 -7.50
CA ASN A 52 -14.33 -14.02 -8.47
C ASN A 52 -12.93 -14.55 -8.70
N LYS A 53 -12.71 -15.07 -9.91
CA LYS A 53 -11.43 -15.61 -10.34
C LYS A 53 -10.29 -14.70 -9.90
N LYS A 54 -10.28 -13.47 -10.41
CA LYS A 54 -9.17 -12.54 -10.19
C LYS A 54 -8.92 -12.15 -8.73
N LEU A 55 -9.99 -12.00 -7.96
CA LEU A 55 -9.85 -11.61 -6.56
C LEU A 55 -9.27 -12.74 -5.73
N ARG A 56 -9.65 -13.97 -6.07
CA ARG A 56 -9.06 -15.13 -5.41
C ARG A 56 -7.58 -15.23 -5.71
N GLU A 57 -7.20 -14.88 -6.93
CA GLU A 57 -5.78 -14.95 -7.30
C GLU A 57 -4.92 -13.94 -6.54
N ARG A 58 -5.39 -12.69 -6.45
CA ARG A 58 -4.63 -11.68 -5.73
C ARG A 58 -4.55 -12.06 -4.26
N PHE A 59 -5.67 -12.53 -3.73
CA PHE A 59 -5.77 -12.94 -2.33
C PHE A 59 -4.82 -14.10 -2.02
N CYS A 60 -4.78 -15.09 -2.92
CA CYS A 60 -3.87 -16.23 -2.78
C CYS A 60 -2.41 -15.80 -2.89
N HIS A 61 -2.10 -14.94 -3.85
CA HIS A 61 -0.72 -14.49 -4.04
C HIS A 61 -0.23 -13.70 -2.84
N ARG A 62 -1.04 -12.74 -2.39
CA ARG A 62 -0.67 -11.95 -1.22
C ARG A 62 -0.55 -12.86 -0.01
N GLN A 63 -1.29 -13.95 -0.03
CA GLN A 63 -1.33 -14.88 1.07
C GLN A 63 0.05 -15.51 1.30
N LYS A 64 0.77 -15.74 0.21
CA LYS A 64 2.09 -16.38 0.29
C LYS A 64 3.13 -15.45 0.88
N GLU A 65 3.17 -14.21 0.39
CA GLU A 65 4.11 -13.22 0.89
C GLU A 65 3.93 -13.01 2.38
N VAL A 66 2.69 -12.78 2.79
CA VAL A 66 2.37 -12.62 4.20
C VAL A 66 2.89 -13.83 4.97
N SER A 67 2.71 -14.99 4.38
CA SER A 67 3.06 -16.24 5.06
C SER A 67 4.58 -16.32 5.29
N GLU A 68 5.36 -16.13 4.23
CA GLU A 68 6.81 -16.17 4.33
C GLU A 68 7.34 -15.26 5.42
N GLU A 69 6.61 -14.17 5.69
CA GLU A 69 7.08 -13.16 6.63
C GLU A 69 6.49 -13.35 8.01
N ASN A 70 5.78 -14.46 8.24
CA ASN A 70 5.09 -14.66 9.49
C ASN A 70 5.13 -16.11 9.96
N HIS A 71 6.32 -16.70 9.95
CA HIS A 71 6.50 -18.09 10.36
C HIS A 71 5.63 -19.01 9.52
N ASN A 72 5.42 -18.62 8.27
CA ASN A 72 4.66 -19.43 7.32
C ASN A 72 3.23 -19.71 7.78
N HIS A 73 2.57 -18.70 8.34
CA HIS A 73 1.17 -18.81 8.72
C HIS A 73 0.38 -17.65 8.13
N HIS A 74 -0.76 -17.95 7.52
CA HIS A 74 -1.64 -16.93 6.96
C HIS A 74 -2.16 -16.01 8.05
N ASN A 75 -2.57 -16.61 9.17
CA ASN A 75 -3.32 -15.89 10.20
C ASN A 75 -4.54 -15.22 9.59
N GLU A 76 -5.41 -16.05 9.02
CA GLU A 76 -6.60 -15.58 8.37
C GLU A 76 -7.76 -15.54 9.36
N ARG A 77 -8.76 -14.71 9.08
CA ARG A 77 -9.93 -14.61 9.93
C ARG A 77 -11.19 -14.18 9.20
N MET A 78 -12.33 -14.69 9.65
CA MET A 78 -13.60 -14.24 9.15
C MET A 78 -14.07 -13.05 9.97
N LEU A 79 -14.19 -11.91 9.32
CA LEU A 79 -14.65 -10.70 9.97
C LEU A 79 -15.73 -10.05 9.13
N PHE A 80 -16.61 -9.31 9.79
CA PHE A 80 -17.66 -8.58 9.10
C PHE A 80 -17.12 -7.28 8.57
N HIS A 81 -17.55 -6.91 7.37
CA HIS A 81 -17.32 -5.58 6.88
C HIS A 81 -18.61 -4.99 6.36
N GLY A 82 -18.83 -3.72 6.67
CA GLY A 82 -20.01 -3.00 6.21
C GLY A 82 -19.60 -1.68 5.57
N SER A 83 -20.31 -1.31 4.52
CA SER A 83 -19.94 -0.15 3.72
C SER A 83 -21.02 0.15 2.73
N PRO A 84 -21.10 1.40 2.28
CA PRO A 84 -21.99 1.75 1.18
C PRO A 84 -21.34 1.35 -0.12
N PHE A 85 -20.24 0.61 -0.03
CA PHE A 85 -19.41 0.30 -1.18
C PHE A 85 -19.42 -1.17 -1.54
N ILE A 86 -20.28 -1.94 -0.87
CA ILE A 86 -20.28 -3.38 -1.02
C ILE A 86 -20.37 -3.87 -2.46
N ASN A 87 -21.17 -3.18 -3.28
CA ASN A 87 -21.35 -3.56 -4.67
C ASN A 87 -20.05 -3.54 -5.47
N ALA A 88 -19.18 -2.59 -5.13
CA ALA A 88 -17.91 -2.47 -5.84
C ALA A 88 -16.90 -3.45 -5.26
N ILE A 89 -17.10 -3.82 -4.01
CA ILE A 89 -16.13 -4.67 -3.33
C ILE A 89 -16.26 -6.11 -3.82
N ILE A 90 -17.49 -6.55 -4.01
CA ILE A 90 -17.72 -7.91 -4.46
C ILE A 90 -17.37 -8.03 -5.94
N HIS A 91 -17.27 -6.89 -6.63
CA HIS A 91 -16.99 -6.90 -8.06
C HIS A 91 -15.52 -6.62 -8.41
N LYS A 92 -14.79 -5.98 -7.51
CA LYS A 92 -13.42 -5.55 -7.81
C LYS A 92 -12.51 -5.68 -6.59
N GLY A 93 -13.10 -6.03 -5.46
CA GLY A 93 -12.36 -6.27 -4.24
C GLY A 93 -12.12 -5.01 -3.43
N PHE A 94 -11.60 -5.19 -2.22
CA PHE A 94 -11.28 -4.06 -1.36
C PHE A 94 -10.14 -3.23 -1.93
N ASP A 95 -10.29 -1.91 -1.86
CA ASP A 95 -9.31 -1.00 -2.43
C ASP A 95 -8.89 0.02 -1.38
N GLU A 96 -7.63 -0.06 -0.97
CA GLU A 96 -7.08 0.81 0.07
C GLU A 96 -6.90 2.24 -0.44
N ARG A 97 -7.03 2.42 -1.74
CA ARG A 97 -6.93 3.75 -2.33
C ARG A 97 -8.19 4.55 -2.02
N HIS A 98 -9.19 3.91 -1.44
CA HIS A 98 -10.39 4.58 -0.97
C HIS A 98 -10.32 4.76 0.55
N ALA A 99 -9.38 4.04 1.16
CA ALA A 99 -9.23 4.03 2.61
C ALA A 99 -8.84 5.40 3.19
N GLY A 103 -9.40 7.22 8.85
CA GLY A 103 -9.95 6.36 9.87
C GLY A 103 -9.24 6.50 11.21
N MET A 104 -9.78 5.85 12.24
CA MET A 104 -9.20 5.93 13.58
C MET A 104 -7.82 5.28 13.66
N PHE A 105 -7.52 4.37 12.73
CA PHE A 105 -6.21 3.75 12.73
C PHE A 105 -5.46 3.91 11.41
N GLY A 106 -5.93 4.85 10.60
CA GLY A 106 -5.20 5.21 9.41
C GLY A 106 -5.94 4.86 8.14
N ALA A 107 -5.25 5.02 7.01
CA ALA A 107 -5.84 4.76 5.71
C ALA A 107 -5.84 3.26 5.44
N GLY A 108 -6.73 2.56 6.13
CA GLY A 108 -6.88 1.13 5.97
C GLY A 108 -8.30 0.69 5.72
N ILE A 109 -8.48 -0.62 5.60
CA ILE A 109 -9.78 -1.21 5.37
C ILE A 109 -10.20 -1.91 6.65
N TYR A 110 -11.36 -1.54 7.18
CA TYR A 110 -11.71 -1.95 8.54
C TYR A 110 -12.72 -3.08 8.63
N PHE A 111 -12.54 -3.93 9.63
CA PHE A 111 -13.41 -5.07 9.85
C PHE A 111 -13.66 -5.21 11.33
N ALA A 112 -14.64 -6.03 11.69
CA ALA A 112 -14.93 -6.29 13.09
C ALA A 112 -15.67 -7.60 13.30
N GLU A 113 -15.50 -8.15 14.49
CA GLU A 113 -16.14 -9.41 14.86
C GLU A 113 -17.64 -9.25 15.06
N ASN A 114 -18.09 -8.07 15.44
CA ASN A 114 -19.53 -7.81 15.64
C ASN A 114 -20.23 -7.33 14.37
N SER A 115 -21.10 -8.17 13.83
CA SER A 115 -21.90 -7.78 12.67
C SER A 115 -22.56 -6.42 12.88
N SER A 116 -23.08 -6.20 14.09
CA SER A 116 -23.73 -4.96 14.46
C SER A 116 -22.83 -3.73 14.26
N LYS A 117 -21.55 -3.89 14.54
CA LYS A 117 -20.59 -2.80 14.40
C LYS A 117 -20.38 -2.40 12.94
N SER A 118 -20.49 -3.37 12.04
CA SER A 118 -20.34 -3.10 10.61
C SER A 118 -21.61 -2.46 10.09
N ASN A 119 -22.71 -2.80 10.74
CA ASN A 119 -24.03 -2.32 10.39
C ASN A 119 -24.11 -0.81 10.48
N GLN A 120 -23.34 -0.26 11.41
CA GLN A 120 -23.28 1.18 11.60
C GLN A 120 -22.85 1.91 10.32
N TYR A 121 -22.13 1.20 9.45
CA TYR A 121 -21.47 1.80 8.31
C TYR A 121 -22.18 1.63 6.97
N VAL A 122 -23.11 0.68 6.88
CA VAL A 122 -23.80 0.43 5.61
C VAL A 122 -24.30 1.71 4.91
N TYR A 123 -24.68 2.73 5.67
CA TYR A 123 -25.08 4.00 5.06
C TYR A 123 -24.00 5.07 5.19
N GLY A 124 -22.83 4.66 5.70
CA GLY A 124 -21.67 5.53 5.78
C GLY A 124 -21.21 5.78 7.21
N ILE A 125 -20.23 6.67 7.36
CA ILE A 125 -19.72 6.96 8.70
C ILE A 125 -20.86 7.45 9.57
N GLY A 126 -20.97 6.89 10.77
CA GLY A 126 -22.05 7.25 11.68
C GLY A 126 -23.42 7.11 11.05
N GLY A 127 -23.56 6.12 10.16
CA GLY A 127 -24.86 5.82 9.56
C GLY A 127 -25.33 6.79 8.48
N GLY A 128 -24.59 7.89 8.30
CA GLY A 128 -24.93 8.87 7.29
C GLY A 128 -26.33 9.40 7.49
N THR A 129 -27.17 9.31 6.45
CA THR A 129 -28.54 9.81 6.53
C THR A 129 -29.56 8.67 6.41
N GLY A 130 -29.17 7.48 6.82
CA GLY A 130 -30.04 6.33 6.74
C GLY A 130 -30.39 5.94 5.32
N CYS A 131 -31.21 4.89 5.18
CA CYS A 131 -31.73 4.48 3.88
C CYS A 131 -32.10 5.69 3.05
N PRO A 132 -31.92 5.58 1.72
CA PRO A 132 -32.21 6.68 0.78
C PRO A 132 -33.70 6.97 0.72
N THR A 133 -34.50 5.92 0.80
CA THR A 133 -35.95 6.04 0.69
C THR A 133 -36.60 6.80 1.84
N HIS A 134 -36.39 6.32 3.07
CA HIS A 134 -37.06 6.88 4.23
C HIS A 134 -36.13 7.73 5.08
N LYS A 135 -34.95 8.02 4.56
CA LYS A 135 -33.96 8.83 5.28
C LYS A 135 -33.85 8.40 6.74
N ASP A 136 -33.84 7.09 6.97
CA ASP A 136 -33.96 6.53 8.31
C ASP A 136 -32.81 5.59 8.62
N ARG A 137 -32.04 5.88 9.67
CA ARG A 137 -30.92 5.03 10.04
C ARG A 137 -31.39 3.80 10.80
N SER A 138 -32.60 3.87 11.34
CA SER A 138 -33.16 2.70 12.00
C SER A 138 -34.22 2.02 11.13
N CYS A 139 -34.22 2.33 9.85
CA CYS A 139 -35.25 1.80 8.96
C CYS A 139 -35.36 0.29 9.04
N TYR A 140 -36.59 -0.19 9.17
CA TYR A 140 -36.86 -1.62 9.33
C TYR A 140 -37.43 -2.16 8.04
N ILE A 141 -37.56 -1.30 7.05
CA ILE A 141 -38.18 -1.68 5.79
C ILE A 141 -37.12 -2.04 4.75
N CYS A 142 -36.14 -1.15 4.58
CA CYS A 142 -35.17 -1.29 3.51
C CYS A 142 -34.12 -2.37 3.77
N HIS A 143 -33.74 -3.11 2.72
CA HIS A 143 -32.74 -4.16 2.84
C HIS A 143 -31.33 -3.61 2.91
N ARG A 144 -30.56 -4.15 3.85
CA ARG A 144 -29.17 -3.75 4.01
C ARG A 144 -28.25 -4.88 3.60
N GLN A 145 -26.99 -4.55 3.39
CA GLN A 145 -26.00 -5.57 3.09
C GLN A 145 -24.70 -5.39 3.84
N MET A 146 -24.06 -6.50 4.16
CA MET A 146 -22.71 -6.48 4.70
C MET A 146 -21.93 -7.69 4.19
N LEU A 147 -20.66 -7.78 4.53
CA LEU A 147 -19.80 -8.83 4.04
C LEU A 147 -19.13 -9.59 5.18
N PHE A 148 -19.23 -10.91 5.14
CA PHE A 148 -18.42 -11.75 5.99
C PHE A 148 -17.19 -12.18 5.17
N CYS A 149 -16.01 -11.65 5.47
CA CYS A 149 -14.83 -11.87 4.62
C CYS A 149 -13.69 -12.64 5.27
N ARG A 150 -12.94 -13.36 4.45
CA ARG A 150 -11.65 -13.92 4.86
C ARG A 150 -10.65 -12.78 4.90
N VAL A 151 -10.05 -12.55 6.07
CA VAL A 151 -9.04 -11.52 6.21
C VAL A 151 -7.68 -12.09 6.61
N THR A 152 -6.65 -11.75 5.83
CA THR A 152 -5.28 -12.11 6.11
C THR A 152 -4.62 -11.09 7.03
N LEU A 153 -4.66 -11.36 8.32
CA LEU A 153 -4.07 -10.45 9.29
C LEU A 153 -2.55 -10.51 9.25
N GLY A 154 -2.01 -11.67 8.88
CA GLY A 154 -0.57 -11.87 8.93
C GLY A 154 -0.06 -11.62 10.34
N LYS A 155 1.06 -10.93 10.46
CA LYS A 155 1.55 -10.52 11.76
C LYS A 155 0.93 -9.18 12.15
N SER A 156 -0.03 -9.23 13.07
CA SER A 156 -0.77 -8.04 13.51
C SER A 156 0.05 -7.12 14.41
N PHE A 157 -0.03 -5.83 14.16
CA PHE A 157 0.45 -4.83 15.09
C PHE A 157 -0.69 -4.37 15.99
N LEU A 158 -0.41 -4.17 17.26
CA LEU A 158 -1.42 -3.71 18.20
C LEU A 158 -1.21 -2.24 18.56
N GLN A 159 -2.14 -1.38 18.13
CA GLN A 159 -2.14 0.03 18.49
C GLN A 159 -3.16 0.30 19.60
N PHE A 160 -2.81 1.17 20.53
CA PHE A 160 -3.64 1.40 21.70
C PHE A 160 -4.14 2.83 21.83
N SER A 161 -3.52 3.73 21.07
CA SER A 161 -4.07 5.06 20.88
C SER A 161 -4.59 5.14 19.46
N THR A 162 -5.17 6.27 19.09
CA THR A 162 -5.50 6.47 17.68
C THR A 162 -4.27 6.96 16.96
N ILE A 163 -4.02 6.39 15.78
CA ILE A 163 -2.83 6.73 15.02
C ILE A 163 -3.14 6.80 13.53
N LYS A 164 -2.46 7.72 12.87
CA LYS A 164 -2.65 7.97 11.45
C LYS A 164 -1.55 7.25 10.67
N MET A 165 -1.71 5.95 10.48
CA MET A 165 -0.72 5.19 9.71
C MET A 165 -1.21 4.78 8.33
N ALA A 166 -0.27 4.79 7.38
CA ALA A 166 -0.55 4.49 5.99
C ALA A 166 -0.45 3.00 5.72
N HIS A 167 0.44 2.34 6.46
CA HIS A 167 0.74 0.94 6.25
C HIS A 167 1.02 0.34 7.60
N ALA A 168 0.95 -0.98 7.69
CA ALA A 168 1.32 -1.68 8.90
C ALA A 168 2.78 -1.39 9.17
N PRO A 169 3.17 -1.43 10.45
CA PRO A 169 4.58 -1.32 10.84
C PRO A 169 5.43 -2.36 10.13
N PRO A 170 6.73 -2.07 9.93
CA PRO A 170 7.59 -3.07 9.27
C PRO A 170 7.46 -4.44 9.93
N GLY A 171 7.52 -5.50 9.13
CA GLY A 171 7.41 -6.85 9.65
C GLY A 171 5.99 -7.21 10.05
N HIS A 172 5.07 -6.27 9.84
CA HIS A 172 3.66 -6.54 10.15
C HIS A 172 2.81 -6.44 8.90
N HIS A 173 1.58 -6.92 8.99
CA HIS A 173 0.71 -7.01 7.82
C HIS A 173 -0.68 -6.51 8.13
N SER A 174 -0.95 -6.29 9.41
CA SER A 174 -2.24 -5.76 9.83
C SER A 174 -2.11 -4.95 11.13
N VAL A 175 -3.19 -4.28 11.49
CA VAL A 175 -3.24 -3.57 12.77
C VAL A 175 -4.54 -3.89 13.49
N ILE A 176 -4.42 -4.40 14.70
CA ILE A 176 -5.57 -4.56 15.58
C ILE A 176 -5.60 -3.33 16.46
N GLY A 177 -6.63 -2.51 16.30
CA GLY A 177 -6.68 -1.22 16.97
C GLY A 177 -7.72 -1.11 18.07
N ARG A 178 -7.25 -0.89 19.29
CA ARG A 178 -8.14 -0.64 20.42
C ARG A 178 -8.06 0.81 20.85
N TYR A 186 -13.33 -1.77 22.01
CA TYR A 186 -13.35 -2.90 21.08
C TYR A 186 -12.29 -2.78 19.98
N ALA A 187 -11.68 -3.91 19.65
CA ALA A 187 -10.64 -3.93 18.63
C ALA A 187 -11.22 -3.68 17.25
N GLU A 188 -10.43 -3.01 16.43
CA GLU A 188 -10.79 -2.79 15.03
C GLU A 188 -9.69 -3.43 14.19
N TYR A 189 -10.09 -4.32 13.29
CA TYR A 189 -9.11 -5.01 12.45
C TYR A 189 -8.88 -4.25 11.17
N VAL A 190 -7.63 -3.87 10.93
CA VAL A 190 -7.32 -3.02 9.80
C VAL A 190 -6.17 -3.61 9.00
N ILE A 191 -6.38 -3.73 7.70
CA ILE A 191 -5.31 -4.10 6.80
C ILE A 191 -5.10 -2.91 5.90
N TYR A 192 -3.91 -2.79 5.32
CA TYR A 192 -3.62 -1.64 4.46
C TYR A 192 -3.43 -2.07 3.02
N ARG A 193 -3.78 -3.32 2.74
CA ARG A 193 -3.76 -3.86 1.38
C ARG A 193 -5.05 -4.62 1.12
N GLY A 194 -5.77 -4.22 0.07
CA GLY A 194 -6.97 -4.91 -0.35
C GLY A 194 -6.80 -6.41 -0.50
N GLU A 195 -5.68 -6.84 -1.09
CA GLU A 195 -5.44 -8.26 -1.36
C GLU A 195 -5.60 -9.12 -0.12
N GLN A 196 -5.36 -8.52 1.04
CA GLN A 196 -5.41 -9.26 2.30
C GLN A 196 -6.83 -9.57 2.79
N ALA A 197 -7.83 -9.19 2.02
CA ALA A 197 -9.18 -9.62 2.32
C ALA A 197 -9.89 -10.08 1.06
N TYR A 198 -10.56 -11.22 1.15
CA TYR A 198 -11.48 -11.68 0.14
C TYR A 198 -12.88 -11.59 0.74
N PRO A 199 -13.83 -10.98 0.02
CA PRO A 199 -15.25 -10.81 0.41
C PRO A 199 -16.09 -12.07 0.21
N GLU A 200 -15.95 -13.07 1.07
CA GLU A 200 -16.59 -14.37 0.88
C GLU A 200 -18.13 -14.33 0.82
N TYR A 201 -18.76 -13.82 1.88
CA TYR A 201 -20.21 -13.89 1.99
C TYR A 201 -20.93 -12.53 1.90
N LEU A 202 -21.75 -12.38 0.87
CA LEU A 202 -22.63 -11.22 0.78
C LEU A 202 -23.93 -11.50 1.52
N ILE A 203 -24.18 -10.72 2.57
CA ILE A 203 -25.38 -10.88 3.38
C ILE A 203 -26.39 -9.77 3.17
N THR A 204 -27.61 -10.15 2.80
CA THR A 204 -28.69 -9.21 2.59
C THR A 204 -29.76 -9.38 3.68
N TYR A 205 -30.01 -8.32 4.44
CA TYR A 205 -30.80 -8.47 5.65
C TYR A 205 -31.56 -7.19 6.00
N GLN A 206 -32.45 -7.33 6.98
CA GLN A 206 -33.14 -6.19 7.57
C GLN A 206 -32.89 -6.17 9.07
N ILE A 207 -32.76 -4.99 9.66
CA ILE A 207 -32.82 -4.88 11.11
C ILE A 207 -34.29 -5.00 11.53
N MET A 208 -34.55 -5.77 12.58
CA MET A 208 -35.93 -6.02 12.98
C MET A 208 -36.33 -5.21 14.19
N LYS A 209 -37.42 -4.46 14.06
CA LYS A 209 -37.96 -3.69 15.18
C LYS A 209 -38.10 -4.58 16.41
N PRO A 210 -37.48 -4.15 17.53
CA PRO A 210 -37.44 -4.90 18.79
C PRO A 210 -38.83 -5.31 19.27
N GLY B 2 18.33 -16.16 -3.19
CA GLY B 2 18.95 -14.95 -2.68
C GLY B 2 19.14 -13.85 -3.73
N THR B 3 20.04 -12.92 -3.43
CA THR B 3 20.36 -11.84 -4.36
C THR B 3 21.78 -11.99 -4.93
N ILE B 4 21.91 -11.73 -6.22
CA ILE B 4 23.20 -11.89 -6.89
C ILE B 4 23.59 -10.61 -7.62
N LEU B 5 24.76 -10.09 -7.29
CA LEU B 5 25.23 -8.84 -7.90
C LEU B 5 26.23 -9.09 -9.01
N LEU B 6 25.78 -8.90 -10.25
CA LEU B 6 26.63 -9.10 -11.40
C LEU B 6 27.44 -7.85 -11.70
N ASP B 7 28.76 -7.97 -11.65
CA ASP B 7 29.62 -6.88 -12.07
C ASP B 7 29.47 -6.65 -13.56
N LEU B 8 29.51 -5.39 -13.97
CA LEU B 8 29.49 -5.06 -15.38
C LEU B 8 30.84 -4.47 -15.74
N ALA B 9 31.46 -4.98 -16.80
CA ALA B 9 32.74 -4.43 -17.24
C ALA B 9 32.50 -3.00 -17.68
N PRO B 10 33.42 -2.10 -17.34
CA PRO B 10 33.30 -0.72 -17.81
C PRO B 10 33.26 -0.62 -19.33
N GLU B 11 33.54 -1.73 -20.03
CA GLU B 11 33.47 -1.76 -21.48
C GLU B 11 32.07 -2.18 -21.91
N ASP B 12 31.39 -2.87 -21.02
CA ASP B 12 29.98 -3.20 -21.20
C ASP B 12 29.20 -1.90 -21.44
N LYS B 13 28.42 -1.85 -22.52
CA LYS B 13 27.67 -0.65 -22.88
C LYS B 13 26.38 -0.49 -22.08
N GLU B 14 26.06 -1.52 -21.29
CA GLU B 14 24.99 -1.41 -20.31
C GLU B 14 25.56 -0.65 -19.13
N TYR B 15 26.86 -0.85 -18.90
CA TYR B 15 27.60 -0.14 -17.88
C TYR B 15 27.62 1.34 -18.22
N GLN B 16 28.02 1.65 -19.44
CA GLN B 16 28.14 3.03 -19.89
C GLN B 16 26.79 3.76 -19.90
N SER B 17 25.76 3.05 -20.34
CA SER B 17 24.41 3.61 -20.34
C SER B 17 24.05 4.17 -18.96
N VAL B 18 24.39 3.43 -17.91
CA VAL B 18 23.99 3.79 -16.56
C VAL B 18 24.85 4.91 -15.96
N GLU B 19 26.17 4.78 -16.05
CA GLU B 19 27.06 5.82 -15.53
C GLU B 19 26.81 7.13 -16.27
N GLU B 20 26.36 7.04 -17.51
CA GLU B 20 26.05 8.22 -18.29
C GLU B 20 24.77 8.91 -17.81
N GLU B 21 23.70 8.15 -17.65
CA GLU B 21 22.47 8.70 -17.09
C GLU B 21 22.75 9.34 -15.75
N MET B 22 23.53 8.64 -14.92
CA MET B 22 23.87 9.12 -13.60
C MET B 22 24.71 10.39 -13.64
N GLN B 23 25.65 10.47 -14.60
CA GLN B 23 26.55 11.60 -14.70
C GLN B 23 25.83 12.81 -15.28
N SER B 24 25.00 12.57 -16.29
CA SER B 24 24.33 13.64 -17.01
C SER B 24 23.10 14.21 -16.28
N THR B 25 22.70 13.61 -15.16
CA THR B 25 21.55 14.11 -14.41
C THR B 25 21.92 14.73 -13.05
N ILE B 26 23.10 15.34 -12.99
CA ILE B 26 23.47 16.13 -11.82
C ILE B 26 22.93 17.54 -12.00
N ARG B 27 22.32 18.09 -10.95
CA ARG B 27 21.80 19.44 -11.02
C ARG B 27 22.05 20.23 -9.75
N GLU B 28 21.88 21.54 -9.84
CA GLU B 28 21.97 22.42 -8.69
C GLU B 28 20.76 22.14 -7.78
N HIS B 29 20.93 22.35 -6.48
CA HIS B 29 19.85 22.08 -5.53
C HIS B 29 19.60 23.24 -4.55
N ARG B 30 18.37 23.33 -4.04
CA ARG B 30 18.02 24.36 -3.07
C ARG B 30 19.09 24.54 -1.99
N ASP B 31 19.38 23.46 -1.26
CA ASP B 31 20.31 23.52 -0.14
C ASP B 31 21.73 23.90 -0.55
N GLY B 32 21.92 24.14 -1.84
CA GLY B 32 23.22 24.51 -2.36
C GLY B 32 24.32 23.52 -1.98
N GLY B 33 24.06 22.23 -2.21
CA GLY B 33 25.05 21.21 -1.97
C GLY B 33 25.22 20.78 -0.51
N ASN B 34 24.30 21.20 0.34
CA ASN B 34 24.42 20.88 1.76
C ASN B 34 24.16 19.41 2.07
N ALA B 35 23.12 18.85 1.46
CA ALA B 35 22.68 17.51 1.81
C ALA B 35 23.54 16.42 1.20
N GLY B 36 23.89 16.57 -0.08
CA GLY B 36 24.68 15.56 -0.77
C GLY B 36 26.04 16.04 -1.27
N GLY B 37 26.67 16.92 -0.52
CA GLY B 37 28.00 17.39 -0.85
C GLY B 37 28.13 18.25 -2.09
N ILE B 38 29.30 18.83 -2.27
CA ILE B 38 29.59 19.69 -3.41
C ILE B 38 30.50 18.96 -4.40
N PHE B 39 30.07 18.90 -5.66
CA PHE B 39 30.74 18.11 -6.68
C PHE B 39 30.13 18.39 -8.04
N ASN B 40 30.89 18.12 -9.11
CA ASN B 40 30.37 18.33 -10.45
C ASN B 40 30.15 17.02 -11.20
N ARG B 41 30.76 15.96 -10.70
CA ARG B 41 30.68 14.66 -11.35
C ARG B 41 30.95 13.57 -10.32
N TYR B 42 30.61 12.34 -10.68
CA TYR B 42 30.92 11.23 -9.79
C TYR B 42 32.14 10.51 -10.32
N ASN B 43 32.82 9.81 -9.42
CA ASN B 43 33.74 8.77 -9.82
C ASN B 43 33.00 7.43 -9.71
N VAL B 44 32.30 7.05 -10.75
CA VAL B 44 31.62 5.76 -10.75
C VAL B 44 32.68 4.67 -10.82
N ILE B 45 32.68 3.78 -9.83
CA ILE B 45 33.77 2.82 -9.70
C ILE B 45 33.31 1.36 -9.79
N ARG B 46 32.00 1.15 -9.75
CA ARG B 46 31.42 -0.18 -9.86
C ARG B 46 29.93 -0.07 -10.16
N ILE B 47 29.45 -0.99 -10.99
CA ILE B 47 28.02 -1.09 -11.29
C ILE B 47 27.62 -2.57 -11.38
N GLN B 48 26.74 -2.99 -10.50
CA GLN B 48 26.32 -4.37 -10.44
C GLN B 48 24.81 -4.49 -10.68
N LYS B 49 24.41 -5.38 -11.58
CA LYS B 49 22.99 -5.64 -11.78
C LYS B 49 22.51 -6.53 -10.65
N VAL B 50 21.46 -6.09 -9.97
CA VAL B 50 20.84 -6.91 -8.93
C VAL B 50 20.01 -8.02 -9.57
N VAL B 51 20.25 -9.26 -9.17
CA VAL B 51 19.47 -10.38 -9.68
C VAL B 51 18.80 -11.15 -8.54
N ASN B 52 17.47 -11.06 -8.48
CA ASN B 52 16.69 -11.74 -7.46
C ASN B 52 15.33 -12.20 -7.99
N LYS B 53 15.13 -13.51 -7.98
CA LYS B 53 13.97 -14.17 -8.57
C LYS B 53 12.67 -13.85 -7.86
N LYS B 54 12.69 -13.96 -6.53
CA LYS B 54 11.53 -13.65 -5.72
C LYS B 54 11.06 -12.23 -6.02
N LEU B 55 12.00 -11.30 -6.00
CA LEU B 55 11.70 -9.88 -6.21
C LEU B 55 11.26 -9.58 -7.63
N ARG B 56 11.77 -10.33 -8.60
CA ARG B 56 11.32 -10.13 -9.98
C ARG B 56 9.86 -10.54 -10.11
N GLU B 57 9.47 -11.58 -9.39
CA GLU B 57 8.11 -12.10 -9.44
C GLU B 57 7.08 -11.12 -8.87
N ARG B 58 7.33 -10.65 -7.65
CA ARG B 58 6.45 -9.69 -7.01
C ARG B 58 6.32 -8.45 -7.91
N PHE B 59 7.42 -8.05 -8.53
CA PHE B 59 7.44 -6.87 -9.36
C PHE B 59 6.62 -7.09 -10.63
N CYS B 60 6.85 -8.23 -11.27
CA CYS B 60 6.18 -8.52 -12.54
C CYS B 60 4.70 -8.78 -12.33
N HIS B 61 4.38 -9.38 -11.18
CA HIS B 61 3.00 -9.62 -10.80
C HIS B 61 2.25 -8.30 -10.72
N ARG B 62 2.71 -7.44 -9.82
CA ARG B 62 2.08 -6.15 -9.57
C ARG B 62 1.94 -5.39 -10.88
N GLN B 63 3.01 -5.42 -11.67
CA GLN B 63 3.04 -4.71 -12.94
C GLN B 63 1.90 -5.17 -13.84
N LYS B 64 1.54 -6.44 -13.73
CA LYS B 64 0.45 -6.98 -14.51
C LYS B 64 -0.90 -6.44 -14.03
N GLU B 65 -1.12 -6.39 -12.72
CA GLU B 65 -2.37 -5.86 -12.21
C GLU B 65 -2.47 -4.39 -12.58
N VAL B 66 -1.33 -3.72 -12.60
CA VAL B 66 -1.29 -2.29 -12.90
C VAL B 66 -1.65 -2.01 -14.35
N SER B 67 -1.30 -2.93 -15.25
CA SER B 67 -1.63 -2.78 -16.66
C SER B 67 -3.14 -2.83 -16.86
N GLU B 68 -3.78 -3.80 -16.22
CA GLU B 68 -5.21 -3.97 -16.32
C GLU B 68 -5.96 -2.70 -15.93
N GLU B 69 -5.54 -2.08 -14.83
CA GLU B 69 -6.20 -0.86 -14.37
C GLU B 69 -5.66 0.37 -15.08
N ASN B 70 -4.95 0.17 -16.19
CA ASN B 70 -4.36 1.29 -16.90
C ASN B 70 -4.32 1.09 -18.41
N HIS B 71 -5.38 0.49 -18.96
CA HIS B 71 -5.46 0.23 -20.39
C HIS B 71 -4.20 -0.48 -20.88
N ASN B 72 -3.82 -1.54 -20.18
CA ASN B 72 -2.63 -2.32 -20.52
C ASN B 72 -1.37 -1.48 -20.67
N HIS B 73 -1.09 -0.66 -19.66
CA HIS B 73 0.14 0.12 -19.62
C HIS B 73 0.62 0.19 -18.18
N HIS B 74 1.86 -0.23 -17.95
CA HIS B 74 2.43 -0.13 -16.61
C HIS B 74 3.27 1.13 -16.44
N ASN B 75 3.51 1.84 -17.54
CA ASN B 75 4.23 3.09 -17.50
C ASN B 75 5.47 2.98 -16.60
N GLU B 76 6.38 2.10 -16.98
CA GLU B 76 7.62 1.90 -16.24
C GLU B 76 8.64 2.96 -16.59
N ARG B 77 9.35 3.44 -15.57
CA ARG B 77 10.42 4.40 -15.76
C ARG B 77 11.63 3.94 -14.97
N MET B 78 12.82 4.19 -15.53
CA MET B 78 14.06 4.02 -14.79
C MET B 78 14.28 5.24 -13.92
N LEU B 79 14.41 5.02 -12.61
CA LEU B 79 14.56 6.15 -11.68
C LEU B 79 15.62 5.89 -10.63
N PHE B 80 16.23 6.95 -10.14
CA PHE B 80 17.29 6.82 -9.15
C PHE B 80 16.71 6.74 -7.75
N HIS B 81 17.38 6.01 -6.87
CA HIS B 81 16.97 5.98 -5.48
C HIS B 81 18.13 5.97 -4.52
N GLY B 82 18.14 6.95 -3.61
CA GLY B 82 19.12 7.04 -2.56
C GLY B 82 18.52 6.86 -1.18
N SER B 83 19.17 6.04 -0.36
CA SER B 83 18.70 5.68 0.95
C SER B 83 19.88 5.22 1.76
N PRO B 84 19.74 5.23 3.09
CA PRO B 84 20.74 4.51 3.87
C PRO B 84 20.44 3.02 3.91
N PHE B 85 19.44 2.58 3.16
CA PHE B 85 19.02 1.16 3.21
C PHE B 85 19.24 0.40 1.90
N ILE B 86 20.18 0.87 1.09
CA ILE B 86 20.49 0.22 -0.18
C ILE B 86 20.68 -1.28 -0.03
N ASN B 87 21.36 -1.69 1.04
CA ASN B 87 21.62 -3.11 1.27
C ASN B 87 20.35 -3.93 1.44
N ALA B 88 19.49 -3.52 2.37
CA ALA B 88 18.25 -4.24 2.61
C ALA B 88 17.35 -4.22 1.36
N ILE B 89 17.34 -3.09 0.66
CA ILE B 89 16.46 -2.96 -0.50
C ILE B 89 16.81 -3.99 -1.58
N ILE B 90 18.10 -4.26 -1.79
CA ILE B 90 18.51 -5.20 -2.82
C ILE B 90 18.29 -6.65 -2.38
N HIS B 91 18.27 -6.88 -1.08
CA HIS B 91 18.02 -8.22 -0.55
C HIS B 91 16.54 -8.56 -0.37
N LYS B 92 15.80 -7.69 0.32
CA LYS B 92 14.38 -7.97 0.60
C LYS B 92 13.43 -7.06 -0.16
N GLY B 93 13.97 -6.23 -1.04
CA GLY B 93 13.15 -5.36 -1.86
C GLY B 93 12.73 -4.08 -1.15
N PHE B 94 12.10 -3.19 -1.91
CA PHE B 94 11.51 -1.98 -1.36
C PHE B 94 10.33 -2.32 -0.45
N ASP B 95 10.12 -1.49 0.57
CA ASP B 95 9.10 -1.76 1.58
C ASP B 95 8.45 -0.47 2.07
N GLU B 96 7.19 -0.25 1.68
CA GLU B 96 6.48 0.96 2.05
C GLU B 96 6.20 1.04 3.57
N ARG B 97 6.28 -0.11 4.23
CA ARG B 97 6.06 -0.16 5.68
C ARG B 97 7.16 0.59 6.43
N HIS B 98 8.21 0.95 5.71
CA HIS B 98 9.34 1.69 6.28
C HIS B 98 9.20 3.19 6.02
N ALA B 99 8.34 3.57 5.09
CA ALA B 99 8.20 4.96 4.70
C ALA B 99 7.47 5.77 5.79
N GLY B 103 7.56 11.96 4.18
CA GLY B 103 7.96 12.54 2.92
C GLY B 103 6.99 13.63 2.52
N MET B 104 7.36 14.41 1.51
CA MET B 104 6.56 15.55 1.09
C MET B 104 5.19 15.15 0.55
N PHE B 105 5.07 13.92 0.10
CA PHE B 105 3.82 13.47 -0.50
C PHE B 105 3.38 12.15 0.08
N GLY B 106 3.68 11.94 1.35
CA GLY B 106 3.14 10.79 2.06
C GLY B 106 4.07 9.61 2.28
N ALA B 107 3.49 8.54 2.82
CA ALA B 107 4.23 7.34 3.21
C ALA B 107 4.54 6.46 2.02
N GLY B 108 5.44 6.96 1.16
CA GLY B 108 5.77 6.26 -0.07
C GLY B 108 7.27 6.16 -0.28
N ILE B 109 7.66 5.45 -1.34
CA ILE B 109 9.06 5.27 -1.67
C ILE B 109 9.40 6.20 -2.81
N TYR B 110 10.36 7.09 -2.56
CA TYR B 110 10.63 8.19 -3.47
C TYR B 110 11.80 7.92 -4.41
N PHE B 111 11.63 8.40 -5.64
CA PHE B 111 12.58 8.21 -6.70
C PHE B 111 12.74 9.54 -7.42
N ALA B 112 13.84 9.69 -8.16
CA ALA B 112 14.04 10.90 -8.94
C ALA B 112 14.73 10.64 -10.26
N GLU B 113 14.53 11.55 -11.21
CA GLU B 113 15.22 11.49 -12.48
C GLU B 113 16.68 11.93 -12.32
N ASN B 114 16.91 12.78 -11.33
CA ASN B 114 18.25 13.32 -11.09
C ASN B 114 19.02 12.54 -10.03
N SER B 115 20.19 12.02 -10.43
CA SER B 115 21.04 11.27 -9.53
C SER B 115 21.41 12.09 -8.30
N SER B 116 21.76 13.36 -8.52
CA SER B 116 22.13 14.26 -7.44
C SER B 116 21.02 14.38 -6.41
N LYS B 117 19.77 14.40 -6.88
CA LYS B 117 18.64 14.46 -5.98
C LYS B 117 18.64 13.26 -5.05
N SER B 118 18.79 12.07 -5.62
CA SER B 118 18.86 10.86 -4.82
C SER B 118 20.13 10.81 -3.95
N ASN B 119 21.22 11.39 -4.47
CA ASN B 119 22.49 11.47 -3.72
C ASN B 119 22.37 12.26 -2.42
N GLN B 120 21.36 13.12 -2.33
CA GLN B 120 21.07 13.86 -1.10
C GLN B 120 20.68 12.92 0.00
N TYR B 121 20.24 11.72 -0.35
CA TYR B 121 19.61 10.85 0.63
C TYR B 121 20.43 9.62 0.97
N VAL B 122 21.65 9.57 0.43
CA VAL B 122 22.54 8.46 0.69
C VAL B 122 22.64 8.19 2.18
N TYR B 123 22.74 9.26 2.96
CA TYR B 123 22.94 9.15 4.41
C TYR B 123 21.70 9.48 5.27
N GLY B 124 20.58 9.79 4.64
CA GLY B 124 19.35 10.04 5.36
C GLY B 124 18.69 11.30 4.86
N ILE B 125 17.57 11.71 5.47
CA ILE B 125 16.97 13.00 5.12
C ILE B 125 18.06 14.05 5.25
N GLY B 126 18.07 15.02 4.35
CA GLY B 126 19.06 16.07 4.39
C GLY B 126 20.49 15.57 4.53
N GLY B 127 20.78 14.42 3.94
CA GLY B 127 22.13 13.89 3.97
C GLY B 127 22.63 13.62 5.38
N GLY B 128 21.70 13.40 6.30
CA GLY B 128 22.01 13.00 7.65
C GLY B 128 23.23 13.69 8.23
N THR B 129 24.04 12.93 8.96
CA THR B 129 25.26 13.47 9.55
C THR B 129 26.47 13.28 8.64
N GLY B 130 26.24 12.87 7.40
CA GLY B 130 27.33 12.57 6.48
C GLY B 130 27.82 11.13 6.60
N CYS B 131 28.97 10.86 6.00
CA CYS B 131 29.51 9.50 5.99
C CYS B 131 29.95 9.06 7.38
N PRO B 132 29.74 7.79 7.69
CA PRO B 132 30.12 7.20 8.99
C PRO B 132 31.50 7.63 9.44
N THR B 133 32.51 7.42 8.59
CA THR B 133 33.89 7.66 8.98
C THR B 133 34.19 9.12 9.27
N HIS B 134 33.79 10.01 8.37
CA HIS B 134 34.18 11.41 8.48
C HIS B 134 33.06 12.39 8.90
N LYS B 135 31.84 11.89 9.06
CA LYS B 135 30.72 12.76 9.39
C LYS B 135 30.73 13.97 8.47
N ASP B 136 30.96 13.69 7.18
CA ASP B 136 31.14 14.72 6.17
C ASP B 136 30.11 14.46 5.09
N ARG B 137 29.32 15.47 4.75
CA ARG B 137 28.31 15.29 3.71
C ARG B 137 28.89 15.46 2.31
N SER B 138 29.96 16.23 2.21
CA SER B 138 30.66 16.40 0.94
C SER B 138 31.96 15.59 0.93
N CYS B 139 31.94 14.43 1.59
CA CYS B 139 33.12 13.57 1.62
C CYS B 139 33.47 13.01 0.25
N TYR B 140 34.72 13.19 -0.16
CA TYR B 140 35.16 12.74 -1.47
C TYR B 140 35.94 11.44 -1.34
N ILE B 141 36.07 10.96 -0.11
CA ILE B 141 36.84 9.75 0.17
C ILE B 141 35.92 8.55 0.20
N CYS B 142 34.82 8.68 0.93
CA CYS B 142 33.94 7.56 1.24
C CYS B 142 33.11 7.11 0.04
N HIS B 143 32.78 5.82 0.02
CA HIS B 143 32.06 5.22 -1.10
C HIS B 143 30.55 5.22 -0.89
N ARG B 144 29.85 5.83 -1.83
CA ARG B 144 28.39 5.86 -1.81
C ARG B 144 27.83 4.79 -2.74
N GLN B 145 26.57 4.45 -2.54
CA GLN B 145 25.87 3.54 -3.42
C GLN B 145 24.48 4.09 -3.72
N MET B 146 23.93 3.69 -4.86
CA MET B 146 22.70 4.26 -5.33
C MET B 146 22.04 3.26 -6.26
N LEU B 147 20.71 3.19 -6.21
CA LEU B 147 20.00 2.28 -7.08
C LEU B 147 19.51 3.01 -8.31
N PHE B 148 19.32 2.27 -9.39
CA PHE B 148 18.72 2.78 -10.59
C PHE B 148 17.69 1.74 -10.96
N CYS B 149 16.43 2.07 -10.70
CA CYS B 149 15.39 1.06 -10.58
C CYS B 149 14.31 1.14 -11.62
N ARG B 150 13.71 -0.02 -11.89
CA ARG B 150 12.49 -0.10 -12.69
C ARG B 150 11.34 0.28 -11.76
N VAL B 151 10.53 1.23 -12.18
CA VAL B 151 9.46 1.72 -11.33
C VAL B 151 8.14 1.71 -12.09
N THR B 152 7.22 0.87 -11.62
CA THR B 152 5.90 0.79 -12.22
C THR B 152 5.08 2.00 -11.78
N LEU B 153 4.95 2.98 -12.67
CA LEU B 153 4.28 4.22 -12.33
C LEU B 153 2.77 4.15 -12.52
N GLY B 154 2.34 3.29 -13.44
CA GLY B 154 0.94 3.12 -13.77
C GLY B 154 0.24 4.44 -14.04
N LYS B 155 -0.96 4.58 -13.49
CA LYS B 155 -1.71 5.82 -13.58
C LYS B 155 -1.16 6.79 -12.54
N SER B 156 -0.38 7.76 -12.98
CA SER B 156 0.25 8.71 -12.08
C SER B 156 -0.71 9.81 -11.71
N PHE B 157 -0.65 10.19 -10.43
CA PHE B 157 -1.47 11.28 -9.92
C PHE B 157 -0.58 12.50 -9.74
N LEU B 158 -1.07 13.65 -10.19
CA LEU B 158 -0.29 14.89 -10.11
C LEU B 158 -0.61 15.71 -8.86
N GLN B 159 0.31 15.69 -7.90
CA GLN B 159 0.17 16.40 -6.64
C GLN B 159 1.09 17.63 -6.61
N PHE B 160 0.54 18.77 -6.18
CA PHE B 160 1.28 20.02 -6.27
C PHE B 160 1.43 20.76 -4.95
N SER B 161 1.43 20.01 -3.86
CA SER B 161 1.54 20.60 -2.54
C SER B 161 1.95 19.48 -1.59
N THR B 162 2.66 19.82 -0.52
CA THR B 162 2.87 18.83 0.53
C THR B 162 1.50 18.29 0.93
N ILE B 163 1.44 16.97 1.09
CA ILE B 163 0.19 16.31 1.43
C ILE B 163 0.49 15.02 2.17
N LYS B 164 -0.41 14.65 3.06
CA LYS B 164 -0.33 13.36 3.71
C LYS B 164 -1.05 12.33 2.85
N MET B 165 -0.30 11.34 2.41
CA MET B 165 -0.88 10.30 1.58
C MET B 165 -0.36 8.94 1.98
N ALA B 166 -1.29 8.02 2.19
CA ALA B 166 -0.96 6.65 2.53
C ALA B 166 -0.78 5.84 1.26
N HIS B 167 -1.70 6.05 0.33
CA HIS B 167 -1.74 5.29 -0.91
C HIS B 167 -1.97 6.26 -2.02
N ALA B 168 -1.93 5.76 -3.26
CA ALA B 168 -2.25 6.58 -4.41
C ALA B 168 -3.76 6.79 -4.41
N PRO B 169 -4.22 7.92 -4.95
CA PRO B 169 -5.66 8.16 -5.05
C PRO B 169 -6.36 7.05 -5.83
N PRO B 170 -7.69 6.91 -5.68
CA PRO B 170 -8.43 5.88 -6.41
C PRO B 170 -8.19 5.95 -7.91
N GLY B 171 -7.98 4.79 -8.54
CA GLY B 171 -7.76 4.75 -9.97
C GLY B 171 -6.32 4.99 -10.37
N HIS B 172 -5.50 5.39 -9.39
CA HIS B 172 -4.10 5.70 -9.66
C HIS B 172 -3.14 4.73 -8.98
N HIS B 173 -1.88 4.73 -9.39
CA HIS B 173 -0.94 3.75 -8.86
C HIS B 173 0.32 4.40 -8.35
N SER B 174 0.49 5.68 -8.69
CA SER B 174 1.62 6.43 -8.18
C SER B 174 1.30 7.91 -8.09
N VAL B 175 2.16 8.63 -7.39
CA VAL B 175 2.05 10.06 -7.30
C VAL B 175 3.30 10.70 -7.88
N ILE B 176 3.12 11.70 -8.72
CA ILE B 176 4.21 12.57 -9.10
C ILE B 176 3.95 13.92 -8.44
N GLY B 177 4.62 14.15 -7.33
CA GLY B 177 4.39 15.35 -6.54
C GLY B 177 5.43 16.42 -6.79
N ARG B 178 4.97 17.67 -6.79
CA ARG B 178 5.88 18.82 -6.77
C ARG B 178 5.60 19.65 -5.52
N PRO B 179 6.65 20.25 -4.96
CA PRO B 179 6.56 20.99 -3.69
C PRO B 179 5.63 22.20 -3.77
N SER B 180 5.29 22.60 -4.99
CA SER B 180 4.54 23.83 -5.21
C SER B 180 3.75 23.70 -6.49
N VAL B 181 2.74 24.55 -6.64
CA VAL B 181 1.87 24.49 -7.82
C VAL B 181 2.50 25.21 -8.99
N ASN B 182 3.33 24.49 -9.73
CA ASN B 182 4.12 25.04 -10.81
C ASN B 182 4.54 23.89 -11.71
N GLY B 183 4.38 24.06 -13.02
CA GLY B 183 4.64 23.00 -13.98
C GLY B 183 6.09 22.52 -14.02
N LEU B 184 7.03 23.47 -14.10
CA LEU B 184 8.44 23.12 -14.27
C LEU B 184 9.09 22.67 -12.97
N ALA B 185 8.36 22.76 -11.86
CA ALA B 185 8.90 22.33 -10.57
C ALA B 185 9.36 20.88 -10.65
N TYR B 186 10.60 20.63 -10.23
CA TYR B 186 11.13 19.28 -10.21
C TYR B 186 10.15 18.39 -9.47
N ALA B 187 9.96 17.19 -9.98
CA ALA B 187 8.97 16.30 -9.40
C ALA B 187 9.67 15.20 -8.61
N GLU B 188 8.94 14.63 -7.66
CA GLU B 188 9.39 13.41 -7.01
C GLU B 188 8.42 12.35 -7.48
N TYR B 189 8.87 11.10 -7.50
CA TYR B 189 8.02 10.01 -7.96
C TYR B 189 7.75 9.10 -6.79
N VAL B 190 6.49 9.01 -6.39
CA VAL B 190 6.16 8.24 -5.22
C VAL B 190 5.31 7.02 -5.57
N ILE B 191 5.69 5.90 -5.00
CA ILE B 191 4.88 4.70 -5.10
C ILE B 191 4.56 4.33 -3.67
N TYR B 192 3.54 3.51 -3.48
CA TYR B 192 3.04 3.22 -2.14
C TYR B 192 2.94 1.72 -1.98
N ARG B 193 3.76 1.04 -2.77
CA ARG B 193 3.90 -0.41 -2.77
C ARG B 193 5.31 -0.75 -3.25
N GLY B 194 6.05 -1.54 -2.47
CA GLY B 194 7.39 -1.92 -2.85
C GLY B 194 7.48 -2.69 -4.16
N GLU B 195 6.48 -3.53 -4.44
CA GLU B 195 6.45 -4.33 -5.66
C GLU B 195 6.51 -3.49 -6.93
N GLN B 196 6.18 -2.20 -6.83
CA GLN B 196 6.14 -1.37 -8.03
C GLN B 196 7.50 -0.76 -8.37
N ALA B 197 8.57 -1.32 -7.80
CA ALA B 197 9.93 -0.90 -8.11
C ALA B 197 10.93 -2.03 -7.98
N TYR B 198 11.79 -2.17 -8.99
CA TYR B 198 12.86 -3.15 -8.96
C TYR B 198 14.21 -2.46 -9.01
N PRO B 199 15.07 -2.78 -8.04
CA PRO B 199 16.44 -2.30 -7.86
C PRO B 199 17.37 -2.83 -8.94
N GLU B 200 17.23 -2.32 -10.16
CA GLU B 200 17.91 -2.91 -11.31
C GLU B 200 19.45 -2.86 -11.25
N TYR B 201 20.00 -1.70 -10.91
CA TYR B 201 21.46 -1.53 -10.83
C TYR B 201 21.94 -1.01 -9.48
N LEU B 202 23.04 -1.57 -9.00
CA LEU B 202 23.71 -1.05 -7.82
C LEU B 202 24.96 -0.27 -8.24
N ILE B 203 24.88 1.05 -8.17
CA ILE B 203 25.97 1.93 -8.55
C ILE B 203 26.80 2.31 -7.34
N THR B 204 28.08 1.93 -7.37
CA THR B 204 29.02 2.33 -6.33
C THR B 204 29.80 3.52 -6.87
N TYR B 205 29.98 4.55 -6.06
CA TYR B 205 30.54 5.78 -6.57
C TYR B 205 31.01 6.74 -5.50
N GLN B 206 31.84 7.68 -5.93
CA GLN B 206 32.23 8.78 -5.08
C GLN B 206 31.86 10.05 -5.80
N ILE B 207 31.47 11.07 -5.05
CA ILE B 207 31.38 12.40 -5.63
C ILE B 207 32.81 12.87 -5.76
N MET B 208 33.12 13.50 -6.89
CA MET B 208 34.47 14.01 -7.10
C MET B 208 34.51 15.48 -6.78
N LYS B 209 35.57 15.91 -6.09
CA LYS B 209 35.71 17.31 -5.71
C LYS B 209 35.78 18.14 -6.98
N PRO B 210 35.14 19.32 -6.98
CA PRO B 210 35.10 20.15 -8.17
C PRO B 210 36.52 20.54 -8.55
N GLU B 211 36.78 20.70 -9.83
CA GLU B 211 38.14 21.01 -10.28
C GLU B 211 38.15 21.66 -11.66
ZN ZN C . -35.91 2.91 4.47
O1 1XQ D . -15.03 -1.92 12.63
C1 1XQ D . -15.15 -0.56 13.02
C2 1XQ D . -14.63 0.30 11.86
C3 1XQ D . -15.90 -2.31 11.57
C4 1XQ D . -15.98 -1.28 10.46
C5 1XQ D . -15.37 -0.06 10.60
N1 1XQ D . -15.45 0.90 9.59
C6 1XQ D . -16.09 0.59 8.52
N2 1XQ D . -16.72 -0.63 8.30
C7 1XQ D . -16.70 -1.60 9.23
C8 1XQ D . -16.25 1.54 7.35
N3 1XQ D . -15.03 2.10 6.74
O2 1XQ D . -17.27 -2.66 9.00
C9 1XQ D . -14.09 1.29 6.20
O3 1XQ D . -14.18 0.05 6.24
C10 1XQ D . -12.87 1.90 5.50
N4 1XQ D . -12.83 1.35 4.12
C11 1XQ D . -11.87 2.03 3.24
C12 1XQ D . -11.73 1.19 1.96
C13 1XQ D . -13.07 1.01 1.22
C14 1XQ D . -14.17 0.54 2.19
C15 1XQ D . -14.17 1.35 3.50
C16 1XQ D . -12.96 0.03 0.03
O4 1XQ D . -12.36 -1.03 0.20
C17 1XQ D . -13.61 0.39 -1.27
C18 1XQ D . -13.68 -0.57 -2.31
C19 1XQ D . -14.85 1.02 -3.74
C20 1XQ D . -14.80 1.97 -2.72
C21 1XQ D . -14.29 -0.26 -3.55
C22 1XQ D . -14.18 1.66 -1.50
F1 1XQ D . -15.45 1.35 -4.91
C23 1XQ D . -15.07 3.57 6.75
C24 1XQ D . -15.85 4.23 5.65
C25 1XQ D . -15.45 5.21 4.78
C26 1XQ D . -16.48 5.62 3.88
C27 1XQ D . -17.65 4.95 4.10
S1 1XQ D . -17.53 3.81 5.40
S SO4 E . -3.34 -19.94 9.42
O1 SO4 E . -4.43 -19.29 8.69
O2 SO4 E . -2.95 -19.10 10.55
O3 SO4 E . -2.18 -20.18 8.55
O4 SO4 E . -3.82 -21.22 9.93
S SO4 F . -18.84 1.33 19.48
O1 SO4 F . -19.47 0.97 20.75
O2 SO4 F . -18.17 2.63 19.60
O3 SO4 F . -19.85 1.41 18.42
O4 SO4 F . -17.84 0.32 19.14
S SO4 G . 2.48 -25.01 13.47
O1 SO4 G . 1.63 -26.20 13.35
O2 SO4 G . 1.70 -23.89 14.00
O3 SO4 G . 3.59 -25.28 14.37
O4 SO4 G . 3.01 -24.67 12.15
ZN ZN H . 34.37 10.06 4.51
O1 1XQ I . 13.30 12.23 -4.90
C1 1XQ I . 13.05 13.11 -3.81
C2 1XQ I . 12.83 12.31 -2.52
C3 1XQ I . 14.51 11.48 -4.78
C4 1XQ I . 14.61 10.77 -3.44
C5 1XQ I . 13.83 11.17 -2.40
N1 1XQ I . 13.90 10.53 -1.16
C6 1XQ I . 14.72 9.57 -1.02
N2 1XQ I . 15.56 9.10 -2.02
C7 1XQ I . 15.57 9.65 -3.26
C8 1XQ I . 14.90 8.83 0.28
N3 1XQ I . 13.68 8.49 1.02
O2 1XQ I . 16.31 9.21 -4.13
C9 1XQ I . 12.90 7.50 0.54
O3 1XQ I . 13.19 6.94 -0.51
C10 1XQ I . 11.64 7.01 1.27
N4 1XQ I . 11.82 5.54 1.44
C11 1XQ I . 10.78 4.92 2.26
C12 1XQ I . 10.86 3.40 2.04
C13 1XQ I . 12.25 2.83 2.41
C14 1XQ I . 13.37 3.67 1.77
C15 1XQ I . 13.15 5.18 1.94
C16 1XQ I . 12.40 1.34 2.03
O4 1XQ I . 11.97 0.93 0.95
C17 1XQ I . 13.11 0.44 2.98
C18 1XQ I . 13.33 -0.90 2.61
C19 1XQ I . 14.44 -1.32 4.74
C20 1XQ I . 14.21 0.02 5.13
C21 1XQ I . 14.00 -1.78 3.49
C22 1XQ I . 13.56 0.90 4.25
F1 1XQ I . 15.07 -2.17 5.58
C23 1XQ I . 13.56 9.27 2.28
C24 1XQ I . 14.19 8.66 3.48
C25 1XQ I . 13.59 8.29 4.67
C26 1XQ I . 14.51 7.76 5.61
C27 1XQ I . 15.80 7.72 5.15
S1 1XQ I . 15.92 8.35 3.53
S SO4 J . 15.78 20.45 -4.30
O1 SO4 J . 15.51 21.51 -5.28
O2 SO4 J . 15.05 20.74 -3.07
O3 SO4 J . 17.20 20.39 -3.98
O4 SO4 J . 15.34 19.16 -4.84
#